data_6Q49
#
_entry.id   6Q49
#
_cell.length_a   53.069
_cell.length_b   72.530
_cell.length_c   71.899
_cell.angle_alpha   90.00
_cell.angle_beta   90.00
_cell.angle_gamma   90.00
#
_symmetry.space_group_name_H-M   'P 21 21 21'
#
loop_
_entity.id
_entity.type
_entity.pdbx_description
1 polymer 'Cyclin-dependent kinase 2'
2 non-polymer 'DIMETHYL SULFOXIDE'
3 non-polymer 4-bromanyl-1~{H}-pyridin-2-one
4 water water
#
_entity_poly.entity_id   1
_entity_poly.type   'polypeptide(L)'
_entity_poly.pdbx_seq_one_letter_code
;GPLGSPEFMENFQKVEKIGEGTYGVVYKARNKLTGEVVALKKIRLDTETEGVPSTAIREISLLKELNHPNIVKLLDVIHT
ENKLYLVFEFLHQDLKKFMDASALTGIPLPLIKSYLFQLLQGLAFCHSHRVLHRDLKPQNLLINTEGAIKLADFGLARAF
GVPVRTYTHEVVTLWYRAPEILLGCKYYSTAVDIWSLGCIFAEMVTRRALFPGDSEIDQLFRIFRTLGTPDEVVWPGVTS
MPDYKPSFPKWARQDFSKVVPPLDEDGRSLLSQMLHYDPNKRISAKAALAHPFFQDVTKPVPHLRL
;
_entity_poly.pdbx_strand_id   A
#
loop_
_chem_comp.id
_chem_comp.type
_chem_comp.name
_chem_comp.formula
DMS non-polymer 'DIMETHYL SULFOXIDE' 'C2 H6 O S'
HGQ non-polymer 4-bromanyl-1~{H}-pyridin-2-one 'C5 H4 Br N O'
#
# COMPACT_ATOMS: atom_id res chain seq x y z
N MET A 9 -2.55 -12.12 26.77
CA MET A 9 -2.87 -12.90 28.04
C MET A 9 -1.84 -12.57 29.15
N GLU A 10 -0.69 -13.22 29.17
CA GLU A 10 0.22 -13.04 30.33
C GLU A 10 0.67 -11.59 30.47
N ASN A 11 0.97 -10.96 29.33
CA ASN A 11 1.68 -9.66 29.33
C ASN A 11 0.79 -8.48 28.98
N PHE A 12 -0.48 -8.81 28.72
CA PHE A 12 -1.55 -7.84 28.36
C PHE A 12 -2.62 -7.89 29.46
N GLN A 13 -3.10 -6.71 29.86
CA GLN A 13 -4.12 -6.55 30.96
C GLN A 13 -5.48 -6.76 30.33
N LYS A 14 -5.64 -6.29 29.09
CA LYS A 14 -6.93 -6.40 28.36
C LYS A 14 -6.64 -6.49 26.86
N VAL A 15 -7.35 -7.40 26.17
CA VAL A 15 -7.19 -7.62 24.72
C VAL A 15 -8.58 -7.65 24.06
N GLU A 16 -8.71 -7.03 22.89
CA GLU A 16 -9.96 -6.84 22.13
C GLU A 16 -9.71 -7.10 20.62
N LYS A 17 -10.44 -8.05 19.96
CA LYS A 17 -10.33 -8.17 18.47
C LYS A 17 -10.60 -6.80 17.87
N ILE A 18 -9.82 -6.38 16.87
CA ILE A 18 -10.14 -5.19 16.03
C ILE A 18 -10.01 -5.54 14.55
N GLY A 19 -9.81 -6.82 14.19
CA GLY A 19 -10.02 -7.25 12.79
C GLY A 19 -9.14 -8.44 12.42
N GLU A 20 -9.52 -9.15 11.37
CA GLU A 20 -8.62 -10.05 10.62
C GLU A 20 -7.63 -9.16 9.87
N GLY A 21 -6.37 -9.61 9.82
CA GLY A 21 -5.28 -8.98 9.06
C GLY A 21 -4.73 -9.94 8.03
N THR A 22 -3.73 -9.52 7.26
CA THR A 22 -3.07 -10.35 6.20
C THR A 22 -2.45 -11.66 6.76
N TYR A 23 -1.74 -11.59 7.90
CA TYR A 23 -1.06 -12.80 8.44
C TYR A 23 -1.88 -13.47 9.54
N GLY A 24 -2.69 -12.69 10.26
CA GLY A 24 -3.51 -13.24 11.40
C GLY A 24 -4.54 -12.28 12.05
N VAL A 25 -5.10 -12.56 13.26
CA VAL A 25 -5.96 -11.63 14.06
C VAL A 25 -5.17 -10.39 14.57
N VAL A 26 -5.75 -9.21 14.49
CA VAL A 26 -5.20 -7.97 15.14
C VAL A 26 -6.11 -7.57 16.31
N TYR A 27 -5.47 -7.29 17.47
CA TYR A 27 -6.15 -6.99 18.76
C TYR A 27 -5.71 -5.55 19.08
N LYS A 28 -6.57 -4.80 19.73
CA LYS A 28 -6.20 -3.65 20.56
C LYS A 28 -5.91 -4.22 21.93
N ALA A 29 -4.78 -3.87 22.52
CA ALA A 29 -4.38 -4.46 23.80
C ALA A 29 -3.73 -3.43 24.66
N ARG A 30 -3.75 -3.69 25.94
CA ARG A 30 -3.09 -2.84 26.93
C ARG A 30 -1.93 -3.57 27.52
N ASN A 31 -0.74 -3.03 27.42
CA ASN A 31 0.43 -3.65 28.06
C ASN A 31 0.29 -3.64 29.59
N LYS A 32 0.49 -4.78 30.19
CA LYS A 32 0.26 -4.98 31.65
C LYS A 32 1.24 -4.12 32.44
N LEU A 33 2.50 -4.07 32.02
CA LEU A 33 3.53 -3.31 32.77
C LEU A 33 3.33 -1.81 32.64
N THR A 34 3.01 -1.31 31.46
CA THR A 34 3.12 0.14 31.18
C THR A 34 1.75 0.79 31.12
N GLY A 35 0.71 0.02 30.86
CA GLY A 35 -0.62 0.61 30.61
C GLY A 35 -0.87 1.14 29.21
N GLU A 36 0.08 1.03 28.32
CA GLU A 36 -0.14 1.64 26.99
C GLU A 36 -1.02 0.74 26.16
N VAL A 37 -1.74 1.41 25.30
CA VAL A 37 -2.54 0.70 24.28
C VAL A 37 -1.72 0.56 23.01
N VAL A 38 -1.76 -0.67 22.49
CA VAL A 38 -0.95 -1.08 21.31
C VAL A 38 -1.84 -1.87 20.38
N ALA A 39 -1.39 -2.06 19.15
CA ALA A 39 -1.99 -3.03 18.25
C ALA A 39 -1.13 -4.30 18.32
N LEU A 40 -1.77 -5.41 18.61
CA LEU A 40 -1.08 -6.67 18.76
C LEU A 40 -1.54 -7.53 17.60
N LYS A 41 -0.60 -8.02 16.82
CA LYS A 41 -0.91 -8.86 15.65
C LYS A 41 -0.38 -10.27 15.92
N LYS A 42 -1.29 -11.23 15.95
CA LYS A 42 -0.92 -12.64 16.12
C LYS A 42 -0.60 -13.16 14.74
N ILE A 43 0.55 -13.74 14.54
CA ILE A 43 0.88 -14.27 13.20
C ILE A 43 0.42 -15.72 13.14
N ARG A 44 -0.54 -15.93 12.29
CA ARG A 44 -1.12 -17.28 12.01
C ARG A 44 -0.04 -18.16 11.35
N LEU A 45 0.26 -19.32 11.95
CA LEU A 45 1.27 -20.26 11.41
C LEU A 45 0.54 -21.36 10.65
N VAL A 52 7.51 -21.41 14.85
CA VAL A 52 7.67 -20.18 14.03
C VAL A 52 8.95 -20.32 13.22
N PRO A 53 8.94 -20.03 11.91
CA PRO A 53 10.17 -20.09 11.13
C PRO A 53 11.23 -19.12 11.68
N SER A 54 12.42 -19.67 11.93
CA SER A 54 13.58 -18.90 12.47
C SER A 54 14.04 -17.85 11.45
N THR A 55 13.85 -18.08 10.14
CA THR A 55 14.32 -17.10 9.13
C THR A 55 13.54 -15.77 9.20
N ALA A 56 12.27 -15.85 9.60
CA ALA A 56 11.29 -14.71 9.71
C ALA A 56 11.51 -13.89 11.00
N ILE A 57 11.82 -14.57 12.09
CA ILE A 57 12.06 -13.85 13.35
C ILE A 57 13.21 -12.87 13.23
N ARG A 58 14.38 -13.25 12.65
CA ARG A 58 15.50 -12.30 12.61
C ARG A 58 15.16 -11.14 11.68
N GLU A 59 14.69 -11.46 10.46
N GLU A 59 14.57 -11.44 10.54
CA GLU A 59 14.36 -10.44 9.43
CA GLU A 59 14.30 -10.40 9.55
C GLU A 59 13.38 -9.39 9.97
C GLU A 59 13.24 -9.40 10.07
N ILE A 60 12.32 -9.84 10.66
N ILE A 60 12.16 -9.91 10.66
CA ILE A 60 11.27 -8.91 11.17
CA ILE A 60 11.12 -9.00 11.24
C ILE A 60 11.81 -8.15 12.37
C ILE A 60 11.74 -8.20 12.38
N SER A 61 12.62 -8.83 13.17
CA SER A 61 13.21 -8.14 14.31
C SER A 61 14.03 -6.93 13.83
N LEU A 62 14.66 -7.00 12.67
CA LEU A 62 15.43 -5.86 12.12
C LEU A 62 14.53 -4.66 11.91
N LEU A 63 13.24 -4.90 11.65
CA LEU A 63 12.27 -3.82 11.37
C LEU A 63 12.01 -3.01 12.65
N LYS A 64 12.34 -3.52 13.82
CA LYS A 64 12.21 -2.74 15.05
C LYS A 64 13.06 -1.48 15.00
N GLU A 65 14.09 -1.44 14.16
CA GLU A 65 15.00 -0.28 14.10
C GLU A 65 14.48 0.72 13.07
N LEU A 66 13.53 0.35 12.19
CA LEU A 66 13.10 1.09 10.96
C LEU A 66 12.04 2.10 11.43
N ASN A 67 12.42 3.25 12.03
CA ASN A 67 11.60 4.33 12.68
C ASN A 67 11.52 5.66 11.83
N HIS A 68 10.31 6.14 11.58
CA HIS A 68 10.02 7.34 10.75
C HIS A 68 8.62 7.80 11.14
N PRO A 69 8.35 9.11 11.07
CA PRO A 69 7.04 9.62 11.46
C PRO A 69 5.87 9.10 10.62
N ASN A 70 6.16 8.59 9.40
CA ASN A 70 5.10 8.10 8.52
C ASN A 70 5.11 6.57 8.42
N ILE A 71 5.77 5.88 9.37
CA ILE A 71 5.75 4.42 9.46
C ILE A 71 5.22 4.02 10.83
N VAL A 72 4.27 3.13 10.87
CA VAL A 72 3.72 2.64 12.16
C VAL A 72 4.81 1.93 12.90
N LYS A 73 5.16 2.43 14.09
CA LYS A 73 6.31 1.88 14.86
C LYS A 73 6.10 0.43 15.33
N LEU A 74 7.01 -0.46 14.92
CA LEU A 74 7.04 -1.86 15.39
C LEU A 74 7.79 -1.81 16.72
N LEU A 75 6.99 -1.89 17.77
CA LEU A 75 7.54 -1.74 19.12
C LEU A 75 8.25 -2.99 19.57
N ASP A 76 7.72 -4.17 19.26
CA ASP A 76 8.22 -5.43 19.86
CA ASP A 76 8.34 -5.39 19.74
C ASP A 76 7.91 -6.57 18.90
N VAL A 77 8.73 -7.56 18.98
CA VAL A 77 8.49 -8.88 18.39
C VAL A 77 8.51 -9.85 19.54
N ILE A 78 7.41 -10.53 19.76
CA ILE A 78 7.23 -11.40 20.95
C ILE A 78 7.08 -12.81 20.44
N HIS A 79 8.04 -13.65 20.77
CA HIS A 79 8.01 -15.06 20.36
C HIS A 79 7.97 -15.85 21.66
N THR A 80 6.80 -16.28 22.07
CA THR A 80 6.65 -17.05 23.31
C THR A 80 5.60 -18.12 23.12
N GLU A 81 5.78 -19.22 23.82
CA GLU A 81 4.84 -20.36 23.74
C GLU A 81 4.74 -20.86 22.29
N ASN A 82 5.81 -20.70 21.52
CA ASN A 82 5.82 -21.13 20.10
C ASN A 82 4.77 -20.42 19.26
N LYS A 83 4.45 -19.19 19.71
CA LYS A 83 3.51 -18.25 19.05
C LYS A 83 4.27 -16.94 18.78
N LEU A 84 3.95 -16.26 17.69
CA LEU A 84 4.59 -15.01 17.27
C LEU A 84 3.60 -13.89 17.26
N TYR A 85 3.97 -12.84 17.88
CA TYR A 85 3.15 -11.65 17.95
C TYR A 85 4.01 -10.46 17.57
N LEU A 86 3.41 -9.52 16.84
CA LEU A 86 4.01 -8.22 16.56
C LEU A 86 3.26 -7.16 17.33
N VAL A 87 3.99 -6.28 17.97
CA VAL A 87 3.38 -5.19 18.76
C VAL A 87 3.66 -3.91 18.03
N PHE A 88 2.61 -3.21 17.67
CA PHE A 88 2.75 -1.95 16.95
C PHE A 88 2.15 -0.79 17.73
N GLU A 89 2.54 0.42 17.36
CA GLU A 89 1.91 1.65 17.92
C GLU A 89 0.47 1.69 17.39
N PHE A 90 -0.51 1.96 18.27
CA PHE A 90 -1.91 1.97 17.94
C PHE A 90 -2.30 3.30 17.35
N LEU A 91 -3.06 3.26 16.27
CA LEU A 91 -3.71 4.45 15.70
C LEU A 91 -5.16 4.15 15.57
N HIS A 92 -5.98 5.23 15.66
CA HIS A 92 -7.42 5.07 15.87
C HIS A 92 -8.23 4.82 14.62
N GLN A 93 -7.72 5.07 13.43
CA GLN A 93 -8.54 4.85 12.23
C GLN A 93 -7.62 4.53 11.05
N ASP A 94 -8.17 3.82 10.09
CA ASP A 94 -7.47 3.51 8.85
C ASP A 94 -8.10 4.28 7.69
N LEU A 95 -7.38 4.36 6.59
CA LEU A 95 -7.81 5.18 5.46
C LEU A 95 -9.04 4.58 4.81
N LYS A 96 -9.18 3.24 4.82
CA LYS A 96 -10.38 2.62 4.25
C LYS A 96 -11.61 3.20 4.96
N LYS A 97 -11.61 3.14 6.29
CA LYS A 97 -12.74 3.64 7.08
C LYS A 97 -12.91 5.13 6.90
N PHE A 98 -11.80 5.85 6.85
CA PHE A 98 -11.90 7.32 6.69
C PHE A 98 -12.48 7.69 5.32
N MET A 99 -12.10 6.99 4.28
CA MET A 99 -12.71 7.25 2.95
C MET A 99 -14.19 6.92 2.97
N ASP A 100 -14.58 5.81 3.63
CA ASP A 100 -16.01 5.47 3.72
C ASP A 100 -16.76 6.59 4.47
N ALA A 101 -16.18 7.05 5.58
CA ALA A 101 -16.81 8.10 6.39
C ALA A 101 -16.90 9.42 5.62
N SER A 102 -16.02 9.59 4.64
CA SER A 102 -15.84 10.87 3.91
C SER A 102 -16.55 10.84 2.55
N ALA A 103 -17.38 9.83 2.30
CA ALA A 103 -17.87 9.51 0.94
C ALA A 103 -18.85 10.56 0.45
N LEU A 104 -19.57 11.24 1.32
CA LEU A 104 -20.64 12.15 0.84
C LEU A 104 -20.02 13.41 0.24
N THR A 105 -18.93 13.83 0.84
CA THR A 105 -18.23 15.11 0.64
C THR A 105 -16.99 14.84 -0.22
N GLY A 106 -16.33 13.68 -0.03
CA GLY A 106 -14.93 13.44 -0.39
C GLY A 106 -13.96 13.96 0.66
N ILE A 107 -12.76 13.41 0.69
CA ILE A 107 -11.66 13.95 1.49
C ILE A 107 -11.28 15.24 0.80
N PRO A 108 -11.13 16.35 1.54
CA PRO A 108 -10.72 17.58 0.89
C PRO A 108 -9.37 17.48 0.16
N LEU A 109 -9.23 18.17 -0.92
CA LEU A 109 -8.01 18.08 -1.74
C LEU A 109 -6.74 18.41 -0.93
N PRO A 110 -6.72 19.44 -0.08
CA PRO A 110 -5.48 19.70 0.65
C PRO A 110 -5.12 18.54 1.55
N LEU A 111 -6.10 17.82 2.06
CA LEU A 111 -5.81 16.68 2.93
C LEU A 111 -5.37 15.48 2.09
N ILE A 112 -5.98 15.27 0.93
CA ILE A 112 -5.47 14.24 0.01
C ILE A 112 -3.99 14.49 -0.27
N LYS A 113 -3.67 15.74 -0.60
CA LYS A 113 -2.30 16.08 -0.97
C LYS A 113 -1.35 15.86 0.20
N SER A 114 -1.75 16.29 1.39
CA SER A 114 -0.97 16.06 2.60
C SER A 114 -0.71 14.57 2.81
N TYR A 115 -1.78 13.78 2.73
CA TYR A 115 -1.63 12.35 2.95
C TYR A 115 -0.71 11.72 1.91
N LEU A 116 -0.90 12.07 0.64
CA LEU A 116 -0.03 11.49 -0.40
C LEU A 116 1.42 11.88 -0.15
N PHE A 117 1.67 13.13 0.17
CA PHE A 117 3.02 13.61 0.41
C PHE A 117 3.66 12.82 1.59
N GLN A 118 2.92 12.66 2.66
CA GLN A 118 3.40 11.92 3.84
C GLN A 118 3.64 10.46 3.49
N LEU A 119 2.76 9.85 2.74
CA LEU A 119 2.94 8.45 2.35
C LEU A 119 4.18 8.30 1.49
N LEU A 120 4.42 9.24 0.60
CA LEU A 120 5.64 9.21 -0.21
C LEU A 120 6.88 9.36 0.66
N GLN A 121 6.80 10.20 1.70
CA GLN A 121 7.95 10.31 2.61
C GLN A 121 8.21 8.98 3.30
N GLY A 122 7.17 8.30 3.75
CA GLY A 122 7.35 7.00 4.37
C GLY A 122 7.93 5.99 3.39
N LEU A 123 7.40 5.94 2.18
CA LEU A 123 7.98 5.00 1.20
CA LEU A 123 7.96 5.05 1.14
C LEU A 123 9.42 5.40 0.91
N ALA A 124 9.72 6.67 0.71
CA ALA A 124 11.10 7.03 0.37
C ALA A 124 12.02 6.55 1.45
N PHE A 125 11.63 6.74 2.72
CA PHE A 125 12.44 6.27 3.85
C PHE A 125 12.64 4.75 3.79
N CYS A 126 11.58 4.01 3.68
CA CYS A 126 11.71 2.55 3.70
C CYS A 126 12.54 2.09 2.50
N HIS A 127 12.26 2.62 1.33
CA HIS A 127 12.98 2.22 0.12
C HIS A 127 14.46 2.54 0.25
N SER A 128 14.80 3.67 0.89
CA SER A 128 16.22 4.02 1.05
C SER A 128 16.94 2.99 1.96
N HIS A 129 16.19 2.32 2.82
CA HIS A 129 16.71 1.28 3.74
C HIS A 129 16.50 -0.09 3.12
N ARG A 130 16.15 -0.14 1.83
CA ARG A 130 15.99 -1.44 1.11
C ARG A 130 14.90 -2.27 1.77
N VAL A 131 13.82 -1.65 2.17
CA VAL A 131 12.62 -2.35 2.69
C VAL A 131 11.44 -1.96 1.80
N LEU A 132 10.78 -2.98 1.26
CA LEU A 132 9.55 -2.80 0.50
C LEU A 132 8.34 -3.17 1.35
N HIS A 133 7.18 -2.71 0.90
CA HIS A 133 5.93 -3.15 1.51
C HIS A 133 5.39 -4.37 0.77
N ARG A 134 5.07 -4.17 -0.49
CA ARG A 134 4.56 -5.16 -1.45
C ARG A 134 3.05 -5.36 -1.35
N ASP A 135 2.39 -4.90 -0.29
CA ASP A 135 0.94 -5.12 -0.12
C ASP A 135 0.24 -3.88 0.42
N LEU A 136 0.54 -2.72 -0.09
CA LEU A 136 -0.12 -1.50 0.40
C LEU A 136 -1.57 -1.51 0.01
N LYS A 137 -2.39 -1.01 0.93
CA LYS A 137 -3.82 -0.87 0.67
CA LYS A 137 -3.84 -0.94 0.73
C LYS A 137 -4.36 0.08 1.71
N PRO A 138 -5.54 0.66 1.48
CA PRO A 138 -6.05 1.63 2.45
C PRO A 138 -6.12 1.12 3.89
N GLN A 139 -6.42 -0.19 4.06
CA GLN A 139 -6.54 -0.74 5.42
C GLN A 139 -5.19 -0.72 6.13
N ASN A 140 -4.04 -0.64 5.44
CA ASN A 140 -2.78 -0.54 6.18
C ASN A 140 -2.20 0.87 6.23
N LEU A 141 -3.04 1.85 5.97
CA LEU A 141 -2.66 3.25 6.10
C LEU A 141 -3.45 3.82 7.26
N LEU A 142 -2.77 4.20 8.31
CA LEU A 142 -3.41 4.57 9.57
C LEU A 142 -3.26 6.06 9.80
N ILE A 143 -4.33 6.64 10.37
CA ILE A 143 -4.41 8.08 10.53
C ILE A 143 -4.65 8.44 12.00
N ASN A 144 -4.19 9.63 12.37
CA ASN A 144 -4.45 10.14 13.71
C ASN A 144 -5.08 11.51 13.65
N THR A 145 -5.43 12.04 14.81
CA THR A 145 -6.17 13.29 14.90
C THR A 145 -5.30 14.51 14.60
N GLU A 146 -3.98 14.31 14.52
CA GLU A 146 -2.97 15.35 14.36
C GLU A 146 -2.76 15.62 12.85
N GLY A 147 -3.36 14.88 11.92
CA GLY A 147 -3.12 15.07 10.49
C GLY A 147 -2.06 14.17 9.93
N ALA A 148 -1.49 13.28 10.74
CA ALA A 148 -0.50 12.34 10.20
C ALA A 148 -1.20 11.14 9.59
N ILE A 149 -0.47 10.54 8.63
CA ILE A 149 -0.82 9.20 8.11
C ILE A 149 0.46 8.39 8.13
N LYS A 150 0.30 7.09 8.42
CA LYS A 150 1.42 6.21 8.59
C LYS A 150 1.14 4.88 7.91
N LEU A 151 2.21 4.30 7.34
CA LEU A 151 2.13 3.00 6.69
C LEU A 151 2.44 1.91 7.68
N ALA A 152 1.55 0.93 7.72
CA ALA A 152 1.80 -0.25 8.53
C ALA A 152 2.22 -1.43 7.69
N ASP A 153 3.03 -2.29 8.27
CA ASP A 153 3.39 -3.64 7.73
C ASP A 153 4.50 -3.65 6.67
N PHE A 154 5.30 -2.59 6.56
N PHE A 154 5.30 -2.60 6.58
CA PHE A 154 6.51 -2.66 5.69
CA PHE A 154 6.48 -2.64 5.70
C PHE A 154 7.33 -3.86 6.11
C PHE A 154 7.34 -3.83 6.11
N GLY A 155 7.90 -4.54 5.13
CA GLY A 155 8.89 -5.56 5.34
C GLY A 155 8.30 -6.93 5.68
N LEU A 156 7.01 -7.00 6.00
CA LEU A 156 6.45 -8.29 6.39
C LEU A 156 6.30 -9.27 5.26
N ALA A 157 5.87 -8.81 4.11
CA ALA A 157 5.69 -9.72 2.97
C ALA A 157 7.00 -10.43 2.62
N ARG A 158 8.13 -9.75 2.61
CA ARG A 158 9.39 -10.43 2.23
C ARG A 158 9.70 -11.45 3.30
N ALA A 159 9.48 -11.09 4.58
CA ALA A 159 9.94 -11.96 5.66
C ALA A 159 9.08 -13.23 5.72
N PHE A 160 7.78 -13.06 5.55
CA PHE A 160 6.83 -14.15 5.79
C PHE A 160 6.54 -14.93 4.50
N GLY A 161 6.68 -14.35 3.31
CA GLY A 161 6.31 -15.07 2.06
C GLY A 161 4.80 -15.26 1.93
N VAL A 162 4.39 -16.36 1.25
CA VAL A 162 2.98 -16.64 0.82
C VAL A 162 2.07 -16.69 2.05
N PRO A 163 1.07 -15.79 2.19
CA PRO A 163 0.20 -15.77 3.37
C PRO A 163 -0.61 -17.07 3.55
N VAL A 164 -0.91 -17.47 4.79
CA VAL A 164 -1.74 -18.67 5.08
C VAL A 164 -3.23 -18.33 4.85
N GLU A 170 -10.12 -14.66 4.93
CA GLU A 170 -10.90 -13.66 4.16
C GLU A 170 -10.17 -13.34 2.83
N VAL A 171 -10.89 -12.71 1.90
CA VAL A 171 -10.33 -12.34 0.56
C VAL A 171 -9.09 -11.46 0.78
N VAL A 172 -8.09 -11.69 -0.10
CA VAL A 172 -6.76 -11.03 -0.18
C VAL A 172 -6.81 -10.03 -1.34
N THR A 173 -7.48 -8.91 -1.08
CA THR A 173 -7.72 -7.78 -2.02
C THR A 173 -6.59 -7.71 -3.05
N LEU A 174 -6.98 -7.71 -4.33
CA LEU A 174 -6.01 -7.60 -5.46
C LEU A 174 -5.95 -6.18 -6.00
N TRP A 175 -6.78 -5.29 -5.47
CA TRP A 175 -7.07 -4.04 -6.16
C TRP A 175 -5.85 -3.14 -6.32
N TYR A 176 -4.83 -3.29 -5.49
CA TYR A 176 -3.69 -2.41 -5.47
C TYR A 176 -2.45 -3.11 -6.00
N ARG A 177 -2.59 -4.29 -6.56
CA ARG A 177 -1.41 -5.03 -7.00
CA ARG A 177 -1.48 -5.12 -7.06
CA ARG A 177 -1.44 -5.10 -7.00
C ARG A 177 -0.90 -4.58 -8.36
N ALA A 178 0.39 -4.41 -8.43
CA ALA A 178 1.04 -3.94 -9.64
C ALA A 178 0.96 -5.01 -10.74
N PRO A 179 0.96 -4.55 -12.01
CA PRO A 179 0.74 -5.48 -13.11
C PRO A 179 1.85 -6.51 -13.24
N GLU A 180 3.08 -6.17 -12.88
CA GLU A 180 4.13 -7.15 -12.97
C GLU A 180 3.89 -8.32 -12.03
N ILE A 181 3.28 -8.08 -10.88
CA ILE A 181 3.04 -9.20 -10.01
CA ILE A 181 2.89 -9.10 -9.86
C ILE A 181 1.84 -10.01 -10.52
N LEU A 182 0.84 -9.35 -11.07
CA LEU A 182 -0.28 -10.06 -11.70
C LEU A 182 0.19 -10.89 -12.91
N LEU A 183 1.25 -10.45 -13.58
CA LEU A 183 1.80 -11.18 -14.74
C LEU A 183 2.80 -12.23 -14.30
N GLY A 184 2.92 -12.50 -13.01
CA GLY A 184 3.68 -13.62 -12.53
C GLY A 184 5.14 -13.38 -12.37
N CYS A 185 5.60 -12.16 -12.36
CA CYS A 185 7.00 -11.90 -11.99
CA CYS A 185 6.98 -11.90 -12.02
C CYS A 185 7.16 -12.25 -10.53
N LYS A 186 8.18 -13.02 -10.17
CA LYS A 186 8.46 -13.51 -8.76
C LYS A 186 9.70 -12.76 -8.30
N TYR A 187 9.80 -11.54 -8.75
CA TYR A 187 10.83 -10.50 -8.43
CA TYR A 187 10.67 -10.60 -8.07
C TYR A 187 10.02 -9.25 -8.06
N TYR A 188 10.32 -8.58 -7.01
CA TYR A 188 9.71 -7.32 -6.63
C TYR A 188 10.69 -6.21 -6.69
N SER A 189 10.19 -5.01 -6.83
CA SER A 189 11.01 -3.79 -6.74
C SER A 189 10.19 -2.72 -6.03
N THR A 190 10.88 -1.63 -5.74
CA THR A 190 10.27 -0.45 -5.12
C THR A 190 9.04 0.01 -5.90
N ALA A 191 9.02 -0.22 -7.21
CA ALA A 191 7.94 0.25 -8.05
C ALA A 191 6.62 -0.37 -7.68
N VAL A 192 6.59 -1.55 -7.07
CA VAL A 192 5.30 -2.15 -6.71
C VAL A 192 4.54 -1.25 -5.73
N ASP A 193 5.29 -0.61 -4.82
CA ASP A 193 4.67 0.24 -3.80
C ASP A 193 4.18 1.55 -4.39
N ILE A 194 4.91 2.10 -5.36
CA ILE A 194 4.49 3.30 -6.05
C ILE A 194 3.20 3.04 -6.80
N TRP A 195 3.08 1.89 -7.48
CA TRP A 195 1.83 1.52 -8.13
C TRP A 195 0.67 1.52 -7.15
N SER A 196 0.85 0.81 -6.04
CA SER A 196 -0.26 0.71 -5.06
C SER A 196 -0.66 2.11 -4.57
N LEU A 197 0.32 2.93 -4.26
CA LEU A 197 0.02 4.28 -3.79
C LEU A 197 -0.67 5.10 -4.86
N GLY A 198 -0.31 4.92 -6.13
CA GLY A 198 -1.04 5.62 -7.18
C GLY A 198 -2.49 5.22 -7.22
N CYS A 199 -2.77 3.92 -7.07
CA CYS A 199 -4.14 3.45 -7.02
C CYS A 199 -4.91 4.09 -5.85
N ILE A 200 -4.24 4.21 -4.70
CA ILE A 200 -4.87 4.80 -3.51
C ILE A 200 -5.11 6.28 -3.72
N PHE A 201 -4.16 6.97 -4.32
CA PHE A 201 -4.34 8.39 -4.66
C PHE A 201 -5.62 8.58 -5.50
N ALA A 202 -5.73 7.80 -6.57
CA ALA A 202 -6.90 7.90 -7.44
C ALA A 202 -8.19 7.66 -6.66
N GLU A 203 -8.18 6.69 -5.75
CA GLU A 203 -9.38 6.37 -4.97
C GLU A 203 -9.73 7.51 -4.01
N MET A 204 -8.75 8.14 -3.40
CA MET A 204 -9.06 9.30 -2.55
C MET A 204 -9.76 10.39 -3.36
N VAL A 205 -9.28 10.63 -4.56
CA VAL A 205 -9.83 11.69 -5.42
C VAL A 205 -11.24 11.39 -5.90
N THR A 206 -11.43 10.18 -6.41
CA THR A 206 -12.72 9.88 -7.10
C THR A 206 -13.76 9.27 -6.18
N ARG A 207 -13.34 8.78 -5.01
CA ARG A 207 -14.28 8.16 -4.03
C ARG A 207 -14.64 6.73 -4.48
N ARG A 208 -13.96 6.22 -5.51
CA ARG A 208 -14.16 4.84 -6.04
CA ARG A 208 -14.16 4.84 -6.04
C ARG A 208 -12.92 4.02 -6.58
N ALA A 209 -12.71 2.89 -5.89
CA ALA A 209 -11.47 2.19 -6.22
C ALA A 209 -11.20 2.31 -7.71
N LEU A 210 -9.93 2.41 -8.06
CA LEU A 210 -9.53 2.56 -9.45
C LEU A 210 -9.71 1.23 -10.22
N PHE A 211 -9.21 0.14 -9.64
CA PHE A 211 -9.23 -1.19 -10.27
C PHE A 211 -9.72 -2.26 -9.32
N PRO A 212 -11.07 -2.31 -9.10
CA PRO A 212 -11.58 -3.23 -8.09
C PRO A 212 -11.82 -4.62 -8.69
N GLY A 213 -10.74 -5.34 -8.98
CA GLY A 213 -10.85 -6.68 -9.54
C GLY A 213 -11.31 -7.68 -8.49
N ASP A 214 -12.07 -8.65 -9.00
CA ASP A 214 -12.33 -9.76 -7.99
CA ASP A 214 -12.54 -9.84 -8.22
C ASP A 214 -11.78 -11.21 -8.35
N SER A 215 -10.80 -11.13 -9.26
CA SER A 215 -9.94 -12.27 -9.55
C SER A 215 -8.68 -11.74 -10.20
N GLU A 216 -7.68 -12.55 -10.35
CA GLU A 216 -6.42 -12.06 -10.93
C GLU A 216 -6.65 -11.58 -12.35
N ILE A 217 -7.39 -12.32 -13.16
CA ILE A 217 -7.55 -11.86 -14.55
C ILE A 217 -8.45 -10.66 -14.64
N ASP A 218 -9.47 -10.59 -13.81
CA ASP A 218 -10.34 -9.40 -13.80
C ASP A 218 -9.52 -8.19 -13.37
N GLN A 219 -8.63 -8.38 -12.37
CA GLN A 219 -7.76 -7.27 -11.96
C GLN A 219 -6.91 -6.81 -13.12
N LEU A 220 -6.28 -7.74 -13.82
N LEU A 220 -6.24 -7.76 -13.76
CA LEU A 220 -5.36 -7.41 -14.92
CA LEU A 220 -5.37 -7.40 -14.87
C LEU A 220 -6.04 -6.71 -16.14
C LEU A 220 -6.10 -6.66 -15.94
N PHE A 221 -7.27 -7.24 -16.38
CA PHE A 221 -8.12 -6.73 -17.46
C PHE A 221 -8.75 -5.37 -17.10
N ARG A 222 -9.07 -5.15 -15.82
CA ARG A 222 -9.50 -3.79 -15.40
C ARG A 222 -8.35 -2.81 -15.65
N ILE A 223 -7.12 -3.17 -15.30
CA ILE A 223 -5.99 -2.29 -15.59
C ILE A 223 -5.89 -2.07 -17.09
N PHE A 224 -5.94 -3.13 -17.88
CA PHE A 224 -5.75 -2.98 -19.33
C PHE A 224 -6.86 -2.14 -19.97
N ARG A 225 -8.08 -2.25 -19.47
CA ARG A 225 -9.19 -1.50 -20.07
C ARG A 225 -9.01 0.00 -19.82
N THR A 226 -8.34 0.37 -18.72
CA THR A 226 -8.13 1.80 -18.43
C THR A 226 -6.85 2.30 -19.07
N LEU A 227 -5.74 1.58 -18.89
CA LEU A 227 -4.42 2.02 -19.27
C LEU A 227 -4.00 1.53 -20.66
N GLY A 228 -4.83 0.69 -21.27
CA GLY A 228 -4.51 0.03 -22.53
C GLY A 228 -3.79 -1.25 -22.29
N THR A 229 -3.91 -2.20 -23.20
CA THR A 229 -3.15 -3.46 -23.06
C THR A 229 -1.71 -3.13 -23.28
N PRO A 230 -0.80 -3.52 -22.39
CA PRO A 230 0.59 -3.20 -22.58
C PRO A 230 1.20 -3.99 -23.71
N ASP A 231 2.27 -3.45 -24.28
CA ASP A 231 2.99 -4.06 -25.38
C ASP A 231 4.47 -3.79 -25.20
N GLU A 232 5.29 -4.34 -26.12
CA GLU A 232 6.73 -4.21 -26.01
C GLU A 232 7.20 -2.76 -26.23
N VAL A 233 6.40 -1.88 -26.82
CA VAL A 233 6.78 -0.45 -26.98
C VAL A 233 6.78 0.21 -25.59
N VAL A 234 5.66 0.10 -24.88
CA VAL A 234 5.55 0.79 -23.58
C VAL A 234 6.21 0.03 -22.46
N TRP A 235 6.34 -1.28 -22.63
CA TRP A 235 6.86 -2.13 -21.55
C TRP A 235 7.75 -3.19 -22.15
N PRO A 236 8.99 -2.82 -22.46
CA PRO A 236 9.92 -3.76 -23.07
C PRO A 236 10.09 -4.94 -22.11
N GLY A 237 9.94 -6.14 -22.62
CA GLY A 237 10.04 -7.34 -21.83
C GLY A 237 8.69 -7.93 -21.41
N VAL A 238 7.58 -7.19 -21.57
CA VAL A 238 6.28 -7.64 -21.01
C VAL A 238 5.86 -8.97 -21.59
N THR A 239 6.11 -9.19 -22.87
CA THR A 239 5.53 -10.35 -23.55
C THR A 239 6.26 -11.64 -23.15
N SER A 240 7.34 -11.51 -22.40
N SER A 240 7.33 -11.53 -22.41
CA SER A 240 8.09 -12.63 -21.85
CA SER A 240 7.99 -12.73 -21.89
C SER A 240 7.82 -12.86 -20.36
C SER A 240 7.81 -12.85 -20.38
N MET A 241 6.90 -12.12 -19.76
CA MET A 241 6.49 -12.25 -18.32
CA MET A 241 6.71 -12.40 -18.34
C MET A 241 5.85 -13.63 -18.19
N PRO A 242 5.94 -14.26 -17.00
CA PRO A 242 5.53 -15.66 -16.89
C PRO A 242 4.06 -15.92 -17.29
N ASP A 243 3.14 -15.02 -16.92
CA ASP A 243 1.70 -15.24 -17.10
C ASP A 243 1.18 -14.38 -18.23
N TYR A 244 2.06 -13.76 -19.02
CA TYR A 244 1.59 -13.02 -20.20
C TYR A 244 1.07 -14.02 -21.21
N LYS A 245 -0.04 -13.71 -21.83
CA LYS A 245 -0.62 -14.50 -22.93
C LYS A 245 -0.81 -13.63 -24.15
N PRO A 246 -0.29 -14.07 -25.31
CA PRO A 246 -0.51 -13.33 -26.53
C PRO A 246 -1.98 -13.14 -26.89
N SER A 247 -2.84 -13.95 -26.35
CA SER A 247 -4.27 -13.89 -26.57
C SER A 247 -4.98 -12.85 -25.68
N PHE A 248 -4.27 -12.10 -24.87
CA PHE A 248 -4.97 -11.04 -24.13
C PHE A 248 -5.68 -10.12 -25.12
N PRO A 249 -6.89 -9.67 -24.82
CA PRO A 249 -7.52 -8.65 -25.67
C PRO A 249 -6.69 -7.36 -25.68
N LYS A 250 -6.74 -6.62 -26.79
N LYS A 250 -6.77 -6.60 -26.77
CA LYS A 250 -6.02 -5.34 -27.01
CA LYS A 250 -6.03 -5.32 -26.97
C LYS A 250 -7.05 -4.24 -26.84
C LYS A 250 -7.06 -4.22 -26.82
N TRP A 251 -6.99 -3.64 -25.65
CA TRP A 251 -7.76 -2.42 -25.32
C TRP A 251 -6.92 -1.16 -25.52
N ALA A 252 -7.59 -0.13 -25.96
CA ALA A 252 -6.99 1.23 -26.09
C ALA A 252 -6.87 1.87 -24.71
N ARG A 253 -5.91 2.80 -24.56
CA ARG A 253 -5.70 3.50 -23.26
C ARG A 253 -6.58 4.75 -23.15
N GLN A 254 -7.20 4.94 -21.98
CA GLN A 254 -8.05 6.11 -21.65
C GLN A 254 -7.19 7.26 -21.17
N ASP A 255 -7.65 8.49 -21.35
N ASP A 255 -7.70 8.45 -21.34
CA ASP A 255 -6.93 9.64 -20.76
CA ASP A 255 -7.12 9.68 -20.78
C ASP A 255 -7.23 9.65 -19.27
C ASP A 255 -7.27 9.68 -19.27
N PHE A 256 -6.25 10.10 -18.51
CA PHE A 256 -6.44 10.28 -17.06
C PHE A 256 -7.45 11.33 -16.76
N SER A 257 -7.70 12.28 -17.69
CA SER A 257 -8.74 13.30 -17.47
C SER A 257 -10.13 12.66 -17.26
N LYS A 258 -10.39 11.51 -17.93
CA LYS A 258 -11.66 10.78 -17.78
C LYS A 258 -11.67 9.91 -16.53
N VAL A 259 -10.49 9.44 -16.12
CA VAL A 259 -10.34 8.49 -15.01
C VAL A 259 -10.42 9.16 -13.62
N VAL A 260 -9.73 10.28 -13.43
CA VAL A 260 -9.69 10.91 -12.10
C VAL A 260 -10.11 12.37 -12.12
N PRO A 261 -11.22 12.76 -12.81
CA PRO A 261 -11.69 14.14 -12.61
C PRO A 261 -12.18 14.28 -11.18
N PRO A 262 -12.05 15.46 -10.50
CA PRO A 262 -11.55 16.74 -11.08
C PRO A 262 -10.09 17.04 -10.72
N LEU A 263 -9.29 15.99 -10.61
CA LEU A 263 -7.89 16.20 -10.30
C LEU A 263 -7.24 17.10 -11.36
N ASP A 264 -6.42 18.03 -10.92
CA ASP A 264 -5.80 18.99 -11.85
C ASP A 264 -4.64 18.36 -12.62
N GLU A 265 -4.10 19.14 -13.54
CA GLU A 265 -3.12 18.53 -14.48
CA GLU A 265 -3.07 18.70 -14.47
C GLU A 265 -1.84 18.17 -13.73
N ASP A 266 -1.50 18.88 -12.66
CA ASP A 266 -0.35 18.43 -11.85
C ASP A 266 -0.59 17.06 -11.24
N GLY A 267 -1.79 16.90 -10.68
CA GLY A 267 -2.20 15.63 -10.05
C GLY A 267 -2.30 14.51 -11.07
N ARG A 268 -2.82 14.82 -12.26
CA ARG A 268 -2.98 13.81 -13.35
C ARG A 268 -1.59 13.44 -13.90
N SER A 269 -0.67 14.41 -13.92
CA SER A 269 0.71 14.18 -14.42
C SER A 269 1.48 13.29 -13.44
N LEU A 270 1.30 13.52 -12.13
CA LEU A 270 1.99 12.72 -11.08
C LEU A 270 1.43 11.29 -11.08
N LEU A 271 0.10 11.15 -11.13
CA LEU A 271 -0.54 9.84 -11.14
C LEU A 271 -0.05 9.02 -12.32
N SER A 272 0.04 9.64 -13.50
CA SER A 272 0.58 9.02 -14.73
CA SER A 272 0.48 8.87 -14.66
C SER A 272 1.91 8.35 -14.46
N GLN A 273 2.76 9.10 -13.79
CA GLN A 273 4.12 8.63 -13.54
C GLN A 273 4.16 7.52 -12.50
N MET A 274 3.18 7.47 -11.62
CA MET A 274 3.07 6.38 -10.63
C MET A 274 2.48 5.11 -11.23
N LEU A 275 1.81 5.22 -12.36
CA LEU A 275 1.07 4.12 -12.97
C LEU A 275 1.63 3.70 -14.32
N HIS A 276 2.86 4.09 -14.64
CA HIS A 276 3.48 3.54 -15.84
C HIS A 276 3.49 2.03 -15.74
N TYR A 277 3.30 1.36 -16.87
CA TYR A 277 3.34 -0.10 -16.89
C TYR A 277 4.71 -0.62 -16.50
N ASP A 278 5.77 -0.13 -17.16
CA ASP A 278 7.10 -0.68 -16.88
C ASP A 278 7.52 -0.25 -15.49
N PRO A 279 7.77 -1.14 -14.55
CA PRO A 279 8.14 -0.69 -13.23
C PRO A 279 9.32 0.24 -13.26
N ASN A 280 10.26 0.04 -14.19
CA ASN A 280 11.47 0.83 -14.25
C ASN A 280 11.17 2.29 -14.61
N LYS A 281 10.06 2.54 -15.28
CA LYS A 281 9.70 3.90 -15.70
CA LYS A 281 9.71 3.90 -15.69
C LYS A 281 8.93 4.65 -14.61
N ARG A 282 8.34 3.92 -13.67
CA ARG A 282 7.54 4.56 -12.58
C ARG A 282 8.41 5.52 -11.76
N ILE A 283 7.85 6.69 -11.40
CA ILE A 283 8.56 7.65 -10.55
C ILE A 283 8.94 6.98 -9.26
N SER A 284 10.07 7.40 -8.71
CA SER A 284 10.46 6.97 -7.36
C SER A 284 9.71 7.83 -6.34
N ALA A 285 9.66 7.30 -5.11
CA ALA A 285 9.04 8.09 -4.04
C ALA A 285 9.80 9.42 -3.87
N LYS A 286 11.13 9.36 -3.86
CA LYS A 286 11.91 10.60 -3.64
CA LYS A 286 11.96 10.58 -3.69
C LYS A 286 11.63 11.59 -4.77
N ALA A 287 11.61 11.16 -6.01
CA ALA A 287 11.34 12.11 -7.12
C ALA A 287 9.92 12.63 -7.04
N ALA A 288 8.97 11.80 -6.61
CA ALA A 288 7.58 12.23 -6.53
C ALA A 288 7.43 13.37 -5.53
N LEU A 289 8.21 13.38 -4.47
CA LEU A 289 8.12 14.44 -3.48
C LEU A 289 8.45 15.80 -4.09
N ALA A 290 9.25 15.82 -5.15
CA ALA A 290 9.65 17.06 -5.84
C ALA A 290 8.66 17.44 -6.94
N HIS A 291 7.63 16.66 -7.21
CA HIS A 291 6.71 16.95 -8.32
C HIS A 291 6.01 18.24 -8.08
N PRO A 292 5.73 19.02 -9.14
CA PRO A 292 4.98 20.24 -8.99
C PRO A 292 3.64 20.14 -8.27
N PHE A 293 3.00 19.00 -8.28
CA PHE A 293 1.75 18.80 -7.53
C PHE A 293 1.89 19.22 -6.06
N PHE A 294 3.09 19.04 -5.50
CA PHE A 294 3.28 19.32 -4.06
C PHE A 294 3.78 20.72 -3.77
N GLN A 295 3.80 21.58 -4.77
CA GLN A 295 4.30 22.99 -4.57
C GLN A 295 3.53 23.63 -3.42
N ASP A 296 2.22 23.39 -3.35
CA ASP A 296 1.38 24.05 -2.32
C ASP A 296 0.90 23.06 -1.25
N VAL A 297 1.71 22.04 -0.94
CA VAL A 297 1.31 21.11 0.11
C VAL A 297 1.35 21.75 1.49
N THR A 298 0.39 21.33 2.30
CA THR A 298 0.19 21.78 3.67
C THR A 298 -0.15 20.55 4.50
N LYS A 299 -0.36 20.76 5.79
CA LYS A 299 -0.71 19.66 6.71
C LYS A 299 -2.00 20.01 7.46
N PRO A 300 -3.16 19.83 6.84
CA PRO A 300 -4.43 20.13 7.49
C PRO A 300 -4.78 19.17 8.59
N VAL A 301 -5.73 19.63 9.44
CA VAL A 301 -6.35 18.80 10.51
C VAL A 301 -7.54 18.05 9.94
N PRO A 302 -7.61 16.72 10.02
CA PRO A 302 -8.76 15.94 9.52
C PRO A 302 -9.96 16.02 10.45
N HIS A 303 -11.14 15.87 9.85
CA HIS A 303 -12.44 15.72 10.56
C HIS A 303 -12.55 14.22 10.86
N LEU A 304 -12.19 13.85 12.07
CA LEU A 304 -12.03 12.45 12.47
C LEU A 304 -12.98 12.08 13.62
N ARG A 305 -13.99 11.26 13.36
CA ARG A 305 -15.02 10.81 14.31
C ARG A 305 -14.54 9.44 14.82
N LEU A 306 -14.21 9.39 16.09
CA LEU A 306 -13.74 8.13 16.70
C LEU A 306 -14.81 7.58 17.62
S DMS B . -1.50 0.79 -24.76
O DMS B . -0.79 0.82 -23.23
C1 DMS B . -0.16 0.22 -25.76
C2 DMS B . -1.63 2.38 -25.24
C4 HGQ C . 1.82 6.04 -21.60
C5 HGQ C . 2.46 6.17 -20.45
N1 HGQ C . 2.77 5.10 -19.69
C3 HGQ C . 1.55 4.75 -22.05
O1 HGQ C . 2.98 2.96 -19.31
C1 HGQ C . 2.58 3.80 -20.09
C2 HGQ C . 1.86 3.59 -21.34
BR1 HGQ C . 0.81 4.62 -23.74
#